data_9O9W
#
_entry.id   9O9W
#
_cell.length_a   87.250
_cell.length_b   87.250
_cell.length_c   148.870
_cell.angle_alpha   90.00
_cell.angle_beta   90.00
_cell.angle_gamma   120.00
#
_symmetry.space_group_name_H-M   'P 32 2 1'
#
loop_
_entity.id
_entity.type
_entity.pdbx_description
1 polymer 'poly(ethylene terephthalate) hydrolase'
2 non-polymer 'CALCIUM ION'
3 non-polymer 'TRIETHYLENE GLYCOL'
4 non-polymer 'CHLORIDE ION'
5 water water
#
_entity_poly.entity_id   1
_entity_poly.type   'polypeptide(L)'
_entity_poly.pdbx_seq_one_letter_code
;AANPYQRGPAPTAASVAAVTGPFATASVSVPRGNGFGGGVIYYPTDTSQGTFGGLAISPGLNGTWPGIAWLGSRLASQGF
IVFGIETNNLNDSPTSRGTQLLAALDYLAQRSSVRSRLDPGRLAVAGHSMGGGGALDAALRRPSLKAAIGNAPYLPSNTL
AGNRVPTLIYAMQNDTLVPPSRLTSLYNTIPATTERAYLEITGAGHNYIGQPSTTLARTMIPWLKIFIDNDTRFSQFLCP
LADQSGIRQYRSSCPLVPATTRALTAAAG
;
_entity_poly.pdbx_strand_id   A,B
#
loop_
_chem_comp.id
_chem_comp.type
_chem_comp.name
_chem_comp.formula
CA non-polymer 'CALCIUM ION' 'Ca 2'
CL non-polymer 'CHLORIDE ION' 'Cl -1'
PGE non-polymer 'TRIETHYLENE GLYCOL' 'C6 H14 O4'
#
# COMPACT_ATOMS: atom_id res chain seq x y z
N ALA A 2 -24.85 -1.80 26.12
CA ALA A 2 -23.87 -1.31 25.13
C ALA A 2 -23.84 -2.32 23.99
N ASN A 3 -23.34 -1.84 22.84
CA ASN A 3 -23.03 -2.72 21.72
C ASN A 3 -21.70 -3.39 21.98
N PRO A 4 -21.64 -4.70 22.20
CA PRO A 4 -20.39 -5.35 22.51
C PRO A 4 -19.36 -5.37 21.36
N TYR A 5 -19.77 -5.03 20.14
CA TYR A 5 -18.88 -5.00 18.97
C TYR A 5 -18.42 -3.59 18.62
N GLN A 6 -18.88 -2.60 19.41
CA GLN A 6 -18.55 -1.22 19.10
C GLN A 6 -17.08 -0.96 19.45
N ARG A 7 -16.37 -0.29 18.57
CA ARG A 7 -14.96 0.00 18.75
C ARG A 7 -14.70 1.46 18.40
N GLY A 8 -13.84 2.09 19.20
CA GLY A 8 -13.30 3.38 18.79
C GLY A 8 -14.19 4.54 19.22
N PRO A 9 -13.63 5.78 19.22
CA PRO A 9 -14.38 6.95 19.65
C PRO A 9 -15.54 7.32 18.73
N ALA A 10 -16.45 8.15 19.25
CA ALA A 10 -17.53 8.71 18.44
C ALA A 10 -16.94 9.33 17.18
N PRO A 11 -17.43 8.92 15.98
CA PRO A 11 -16.86 9.42 14.74
C PRO A 11 -17.31 10.82 14.37
N THR A 12 -16.53 11.44 13.49
CA THR A 12 -16.83 12.70 12.85
C THR A 12 -16.53 12.54 11.35
N ALA A 13 -16.98 13.53 10.55
CA ALA A 13 -16.68 13.57 9.13
C ALA A 13 -15.18 13.50 8.87
N ALA A 14 -14.38 14.27 9.62
CA ALA A 14 -12.92 14.18 9.60
C ALA A 14 -12.39 12.77 9.92
N SER A 15 -12.97 12.07 10.90
CA SER A 15 -12.40 10.83 11.37
C SER A 15 -12.60 9.73 10.30
N VAL A 16 -13.74 9.74 9.60
CA VAL A 16 -14.00 8.74 8.56
C VAL A 16 -13.27 9.05 7.26
N ALA A 17 -12.85 10.31 7.05
CA ALA A 17 -12.14 10.74 5.86
C ALA A 17 -10.61 10.66 6.01
N ALA A 18 -10.10 10.42 7.22
CA ALA A 18 -8.68 10.44 7.51
C ALA A 18 -7.93 9.25 6.88
N VAL A 19 -6.67 9.51 6.51
CA VAL A 19 -5.81 8.51 5.89
C VAL A 19 -5.52 7.38 6.89
N THR A 20 -5.31 7.77 8.17
CA THR A 20 -5.24 6.78 9.24
C THR A 20 -6.24 7.16 10.33
N GLY A 21 -6.98 6.15 10.79
CA GLY A 21 -8.05 6.28 11.75
C GLY A 21 -7.50 6.21 13.18
N PRO A 22 -8.36 6.00 14.19
CA PRO A 22 -7.93 6.07 15.59
C PRO A 22 -7.06 4.91 16.09
N PHE A 23 -7.09 3.76 15.40
CA PHE A 23 -6.33 2.60 15.85
C PHE A 23 -4.97 2.55 15.18
N ALA A 24 -3.92 2.37 16.01
CA ALA A 24 -2.60 1.91 15.55
C ALA A 24 -2.78 0.58 14.82
N THR A 25 -2.00 0.36 13.76
CA THR A 25 -2.11 -0.88 12.99
C THR A 25 -0.74 -1.55 12.77
N ALA A 26 -0.82 -2.82 12.44
CA ALA A 26 0.30 -3.66 12.01
C ALA A 26 -0.16 -4.48 10.81
N SER A 27 0.78 -5.17 10.15
CA SER A 27 0.43 -6.10 9.10
C SER A 27 1.36 -7.30 9.16
N VAL A 28 0.93 -8.39 8.49
CA VAL A 28 1.77 -9.54 8.23
C VAL A 28 1.53 -9.99 6.79
N SER A 29 2.61 -10.37 6.12
CA SER A 29 2.51 -11.02 4.82
C SER A 29 2.04 -12.46 5.00
N VAL A 30 1.27 -12.97 4.00
CA VAL A 30 0.88 -14.37 3.96
C VAL A 30 1.34 -14.95 2.64
N PRO A 31 2.08 -16.08 2.61
CA PRO A 31 2.53 -16.61 1.33
C PRO A 31 1.43 -17.39 0.61
N ARG A 32 1.70 -17.75 -0.64
CA ARG A 32 0.74 -18.49 -1.45
C ARG A 32 0.35 -19.82 -0.80
N GLY A 33 -0.90 -20.28 -1.00
CA GLY A 33 -1.35 -21.56 -0.44
C GLY A 33 -2.76 -21.47 0.18
N ASN A 34 -3.28 -22.62 0.62
CA ASN A 34 -4.57 -22.64 1.34
C ASN A 34 -5.67 -22.14 0.43
N GLY A 35 -5.51 -22.35 -0.87
CA GLY A 35 -6.59 -22.12 -1.82
C GLY A 35 -6.47 -20.78 -2.55
N PHE A 36 -5.44 -19.96 -2.27
CA PHE A 36 -5.39 -18.64 -2.90
C PHE A 36 -3.94 -18.17 -2.92
N GLY A 37 -3.71 -16.95 -3.42
CA GLY A 37 -2.37 -16.48 -3.69
C GLY A 37 -1.68 -15.85 -2.49
N GLY A 38 -2.28 -15.95 -1.30
CA GLY A 38 -1.74 -15.29 -0.11
C GLY A 38 -2.13 -13.81 -0.12
N GLY A 39 -1.27 -12.96 0.49
CA GLY A 39 -1.57 -11.53 0.50
C GLY A 39 -1.03 -10.87 1.76
N VAL A 40 -1.81 -9.93 2.32
CA VAL A 40 -1.38 -9.14 3.48
C VAL A 40 -2.58 -8.94 4.40
N ILE A 41 -2.37 -9.25 5.68
CA ILE A 41 -3.34 -8.99 6.73
C ILE A 41 -2.95 -7.74 7.53
N TYR A 42 -3.88 -6.78 7.58
CA TYR A 42 -3.73 -5.56 8.33
C TYR A 42 -4.64 -5.62 9.54
N TYR A 43 -4.18 -5.17 10.70
CA TYR A 43 -5.05 -5.29 11.86
C TYR A 43 -4.73 -4.23 12.92
N PRO A 44 -5.70 -3.90 13.80
CA PRO A 44 -5.41 -3.03 14.95
C PRO A 44 -4.59 -3.77 15.99
N THR A 45 -3.60 -3.09 16.58
CA THR A 45 -2.76 -3.74 17.58
C THR A 45 -3.38 -3.71 18.96
N ASP A 46 -4.28 -2.75 19.20
CA ASP A 46 -4.96 -2.66 20.49
C ASP A 46 -5.95 -3.81 20.67
N THR A 47 -5.72 -4.69 21.67
CA THR A 47 -6.65 -5.77 22.01
C THR A 47 -7.61 -5.44 23.15
N SER A 48 -7.48 -4.26 23.79
CA SER A 48 -8.16 -3.98 25.04
C SER A 48 -9.65 -3.70 24.84
N GLN A 49 -10.12 -3.51 23.61
CA GLN A 49 -11.54 -3.30 23.37
C GLN A 49 -12.22 -4.57 22.84
N GLY A 50 -11.50 -5.68 22.74
CA GLY A 50 -12.07 -6.92 22.24
C GLY A 50 -11.64 -7.22 20.79
N THR A 51 -12.19 -8.31 20.25
CA THR A 51 -11.88 -8.80 18.90
C THR A 51 -12.54 -7.90 17.88
N PHE A 52 -12.07 -7.99 16.63
CA PHE A 52 -12.59 -7.19 15.53
C PHE A 52 -13.16 -8.10 14.45
N GLY A 53 -14.11 -7.56 13.70
CA GLY A 53 -14.58 -8.22 12.49
C GLY A 53 -13.54 -8.14 11.37
N GLY A 54 -13.81 -8.86 10.29
CA GLY A 54 -12.84 -9.07 9.22
C GLY A 54 -13.42 -8.80 7.83
N LEU A 55 -12.53 -8.35 6.94
CA LEU A 55 -12.87 -8.04 5.56
C LEU A 55 -11.79 -8.62 4.68
N ALA A 56 -12.19 -9.41 3.66
CA ALA A 56 -11.27 -9.85 2.63
C ALA A 56 -11.54 -9.10 1.32
N ILE A 57 -10.46 -8.70 0.63
CA ILE A 57 -10.53 -7.83 -0.55
C ILE A 57 -9.74 -8.42 -1.72
N SER A 58 -10.40 -8.55 -2.89
CA SER A 58 -9.80 -9.13 -4.08
C SER A 58 -9.56 -8.09 -5.17
N PRO A 59 -8.38 -8.11 -5.81
CA PRO A 59 -8.18 -7.34 -7.02
C PRO A 59 -8.95 -7.93 -8.19
N GLY A 60 -8.91 -7.23 -9.32
CA GLY A 60 -9.52 -7.71 -10.55
C GLY A 60 -8.52 -8.39 -11.47
N LEU A 61 -9.00 -8.68 -12.68
CA LEU A 61 -8.25 -9.36 -13.74
C LEU A 61 -6.92 -8.66 -13.96
N ASN A 62 -5.83 -9.43 -13.95
CA ASN A 62 -4.48 -8.93 -14.13
C ASN A 62 -4.04 -7.97 -13.02
N GLY A 63 -4.75 -7.95 -11.89
CA GLY A 63 -4.41 -7.09 -10.79
C GLY A 63 -3.70 -7.84 -9.65
N THR A 64 -2.85 -7.09 -8.94
CA THR A 64 -2.27 -7.59 -7.70
C THR A 64 -2.69 -6.64 -6.58
N TRP A 65 -2.51 -7.11 -5.35
CA TRP A 65 -2.97 -6.41 -4.18
C TRP A 65 -2.29 -5.04 -4.05
N PRO A 66 -0.98 -4.89 -4.34
CA PRO A 66 -0.35 -3.57 -4.24
C PRO A 66 -1.09 -2.47 -4.97
N GLY A 67 -1.71 -2.79 -6.13
CA GLY A 67 -2.44 -1.80 -6.92
C GLY A 67 -3.59 -1.12 -6.15
N ILE A 68 -4.17 -1.82 -5.13
CA ILE A 68 -5.27 -1.28 -4.34
C ILE A 68 -5.00 -1.35 -2.84
N ALA A 69 -3.73 -1.56 -2.46
CA ALA A 69 -3.38 -1.88 -1.08
C ALA A 69 -3.60 -0.72 -0.11
N TRP A 70 -3.75 0.52 -0.62
CA TRP A 70 -4.09 1.62 0.26
C TRP A 70 -5.32 1.33 1.14
N LEU A 71 -6.23 0.46 0.68
CA LEU A 71 -7.41 0.11 1.47
C LEU A 71 -7.01 -0.54 2.79
N GLY A 72 -5.88 -1.23 2.81
CA GLY A 72 -5.56 -2.10 3.94
C GLY A 72 -5.44 -1.35 5.27
N SER A 73 -4.49 -0.42 5.33
CA SER A 73 -4.27 0.25 6.60
C SER A 73 -5.35 1.31 6.83
N ARG A 74 -5.88 1.88 5.74
CA ARG A 74 -6.88 2.93 5.87
C ARG A 74 -8.15 2.38 6.48
N LEU A 75 -8.57 1.16 6.08
CA LEU A 75 -9.74 0.55 6.67
C LEU A 75 -9.41 -0.10 8.02
N ALA A 76 -8.26 -0.77 8.13
CA ALA A 76 -7.96 -1.48 9.38
C ALA A 76 -7.88 -0.50 10.57
N SER A 77 -7.38 0.70 10.32
CA SER A 77 -7.15 1.67 11.38
C SER A 77 -8.45 2.28 11.91
N GLN A 78 -9.59 1.86 11.34
CA GLN A 78 -10.90 2.17 11.90
C GLN A 78 -11.40 1.05 12.82
N GLY A 79 -10.64 -0.05 12.90
CA GLY A 79 -10.96 -1.15 13.78
C GLY A 79 -11.49 -2.37 13.00
N PHE A 80 -10.73 -2.83 12.00
CA PHE A 80 -11.08 -4.03 11.25
C PHE A 80 -9.84 -4.82 10.93
N ILE A 81 -10.01 -6.16 10.79
CA ILE A 81 -8.95 -6.99 10.26
C ILE A 81 -9.20 -7.08 8.77
N VAL A 82 -8.24 -6.65 7.98
CA VAL A 82 -8.44 -6.50 6.56
C VAL A 82 -7.41 -7.40 5.87
N PHE A 83 -7.91 -8.34 5.07
CA PHE A 83 -7.04 -9.24 4.34
C PHE A 83 -7.09 -8.91 2.86
N GLY A 84 -6.05 -8.27 2.35
CA GLY A 84 -5.95 -8.05 0.92
C GLY A 84 -5.30 -9.25 0.27
N ILE A 85 -5.93 -9.83 -0.77
CA ILE A 85 -5.45 -11.10 -1.29
C ILE A 85 -4.78 -10.94 -2.64
N GLU A 86 -3.90 -11.91 -2.92
CA GLU A 86 -3.50 -12.18 -4.29
C GLU A 86 -4.28 -13.40 -4.79
N THR A 87 -4.55 -13.47 -6.11
CA THR A 87 -5.22 -14.64 -6.67
C THR A 87 -4.18 -15.68 -7.11
N ASN A 88 -4.63 -16.93 -7.21
CA ASN A 88 -3.82 -18.00 -7.73
C ASN A 88 -3.24 -17.68 -9.11
N ASN A 89 -4.09 -17.16 -10.00
CA ASN A 89 -3.63 -16.74 -11.31
C ASN A 89 -4.21 -15.36 -11.61
N LEU A 90 -3.51 -14.58 -12.45
CA LEU A 90 -3.96 -13.26 -12.87
C LEU A 90 -5.26 -13.32 -13.68
N ASN A 91 -5.47 -14.40 -14.42
CA ASN A 91 -6.65 -14.57 -15.25
C ASN A 91 -7.78 -15.33 -14.57
N ASP A 92 -7.76 -15.46 -13.22
CA ASP A 92 -8.84 -16.12 -12.51
C ASP A 92 -10.16 -15.38 -12.72
N SER A 93 -11.25 -16.17 -12.78
CA SER A 93 -12.59 -15.69 -13.07
C SER A 93 -13.23 -14.97 -11.87
N PRO A 94 -14.41 -14.34 -12.05
CA PRO A 94 -15.15 -13.78 -10.92
C PRO A 94 -15.57 -14.84 -9.91
N THR A 95 -16.10 -16.00 -10.35
CA THR A 95 -16.50 -16.99 -9.36
C THR A 95 -15.27 -17.52 -8.64
N SER A 96 -14.13 -17.65 -9.35
CA SER A 96 -12.88 -18.09 -8.73
C SER A 96 -12.42 -17.07 -7.67
N ARG A 97 -12.53 -15.78 -7.96
CA ARG A 97 -12.15 -14.79 -6.98
C ARG A 97 -13.03 -14.94 -5.74
N GLY A 98 -14.31 -15.23 -5.96
CA GLY A 98 -15.23 -15.49 -4.86
C GLY A 98 -14.78 -16.65 -3.99
N THR A 99 -14.45 -17.78 -4.63
CA THR A 99 -13.90 -18.95 -3.94
C THR A 99 -12.69 -18.54 -3.11
N GLN A 100 -11.81 -17.75 -3.70
CA GLN A 100 -10.56 -17.43 -3.03
C GLN A 100 -10.80 -16.44 -1.88
N LEU A 101 -11.77 -15.51 -2.01
CA LEU A 101 -12.14 -14.66 -0.88
C LEU A 101 -12.62 -15.51 0.30
N LEU A 102 -13.46 -16.53 0.00
CA LEU A 102 -13.97 -17.39 1.08
C LEU A 102 -12.84 -18.22 1.67
N ALA A 103 -11.93 -18.67 0.82
CA ALA A 103 -10.77 -19.41 1.33
C ALA A 103 -9.89 -18.51 2.19
N ALA A 104 -9.76 -17.24 1.79
CA ALA A 104 -8.96 -16.29 2.57
C ALA A 104 -9.60 -16.05 3.93
N LEU A 105 -10.94 -15.91 3.97
CA LEU A 105 -11.64 -15.71 5.24
C LEU A 105 -11.52 -16.94 6.15
N ASP A 106 -11.55 -18.13 5.54
CA ASP A 106 -11.43 -19.36 6.32
C ASP A 106 -10.02 -19.47 6.91
N TYR A 107 -9.00 -19.15 6.09
CA TYR A 107 -7.64 -19.13 6.58
C TYR A 107 -7.52 -18.08 7.68
N LEU A 108 -8.09 -16.87 7.47
CA LEU A 108 -7.98 -15.80 8.46
C LEU A 108 -8.48 -16.27 9.84
N ALA A 109 -9.63 -16.95 9.84
CA ALA A 109 -10.33 -17.36 11.04
C ALA A 109 -9.69 -18.58 11.70
N GLN A 110 -9.14 -19.50 10.91
CA GLN A 110 -8.77 -20.81 11.44
C GLN A 110 -7.27 -20.99 11.61
N ARG A 111 -6.49 -20.34 10.77
CA ARG A 111 -5.07 -20.66 10.70
C ARG A 111 -4.16 -19.44 10.78
N SER A 112 -4.66 -18.21 10.53
CA SER A 112 -3.74 -17.06 10.46
C SER A 112 -3.15 -16.75 11.83
N SER A 113 -2.04 -16.00 11.81
CA SER A 113 -1.38 -15.53 13.02
C SER A 113 -2.21 -14.48 13.77
N VAL A 114 -3.27 -13.93 13.16
CA VAL A 114 -4.07 -12.94 13.84
C VAL A 114 -5.42 -13.53 14.21
N ARG A 115 -5.62 -14.86 14.09
CA ARG A 115 -6.96 -15.40 14.30
C ARG A 115 -7.50 -15.07 15.70
N SER A 116 -6.63 -14.91 16.72
CA SER A 116 -7.14 -14.63 18.07
C SER A 116 -7.71 -13.21 18.19
N ARG A 117 -7.44 -12.34 17.19
CA ARG A 117 -7.90 -10.96 17.23
C ARG A 117 -9.25 -10.78 16.54
N LEU A 118 -9.68 -11.85 15.83
CA LEU A 118 -10.81 -11.81 14.94
C LEU A 118 -12.03 -12.41 15.61
N ASP A 119 -13.20 -11.82 15.33
CA ASP A 119 -14.46 -12.48 15.63
C ASP A 119 -14.93 -13.20 14.36
N PRO A 120 -14.80 -14.54 14.29
CA PRO A 120 -15.06 -15.31 13.08
C PRO A 120 -16.52 -15.31 12.68
N GLY A 121 -17.42 -14.81 13.56
CA GLY A 121 -18.83 -14.67 13.22
C GLY A 121 -19.13 -13.34 12.51
N ARG A 122 -18.14 -12.47 12.27
CA ARG A 122 -18.43 -11.13 11.76
C ARG A 122 -17.45 -10.81 10.62
N LEU A 123 -17.79 -11.30 9.42
CA LEU A 123 -16.90 -11.26 8.26
C LEU A 123 -17.62 -10.67 7.03
N ALA A 124 -16.80 -10.08 6.15
CA ALA A 124 -17.27 -9.38 4.95
C ALA A 124 -16.29 -9.62 3.80
N VAL A 125 -16.73 -9.24 2.59
CA VAL A 125 -15.95 -9.44 1.39
C VAL A 125 -16.04 -8.16 0.58
N ALA A 126 -14.99 -7.84 -0.18
CA ALA A 126 -15.04 -6.72 -1.11
C ALA A 126 -14.16 -7.02 -2.31
N GLY A 127 -14.24 -6.19 -3.36
CA GLY A 127 -13.26 -6.33 -4.40
C GLY A 127 -13.47 -5.28 -5.47
N HIS A 128 -12.49 -5.24 -6.38
CA HIS A 128 -12.56 -4.38 -7.55
C HIS A 128 -12.79 -5.19 -8.82
N SER A 129 -13.77 -4.74 -9.64
CA SER A 129 -14.01 -5.26 -10.99
C SER A 129 -14.34 -6.75 -10.91
N MET A 130 -13.60 -7.63 -11.57
CA MET A 130 -13.90 -9.06 -11.41
C MET A 130 -13.76 -9.50 -9.96
N GLY A 131 -12.89 -8.85 -9.18
CA GLY A 131 -12.84 -9.11 -7.74
C GLY A 131 -14.10 -8.67 -6.98
N GLY A 132 -14.73 -7.58 -7.44
CA GLY A 132 -16.03 -7.20 -6.91
C GLY A 132 -17.11 -8.21 -7.29
N GLY A 133 -17.10 -8.66 -8.54
CA GLY A 133 -17.95 -9.77 -8.91
C GLY A 133 -17.73 -10.98 -8.01
N GLY A 134 -16.45 -11.28 -7.71
CA GLY A 134 -16.11 -12.33 -6.77
C GLY A 134 -16.78 -12.12 -5.43
N ALA A 135 -16.70 -10.87 -4.90
CA ALA A 135 -17.26 -10.57 -3.61
C ALA A 135 -18.76 -10.81 -3.62
N LEU A 136 -19.45 -10.39 -4.67
CA LEU A 136 -20.89 -10.59 -4.79
C LEU A 136 -21.26 -12.07 -4.89
N ASP A 137 -20.48 -12.82 -5.67
CA ASP A 137 -20.71 -14.25 -5.84
C ASP A 137 -20.53 -15.00 -4.52
N ALA A 138 -19.50 -14.54 -3.76
CA ALA A 138 -19.24 -15.05 -2.42
C ALA A 138 -20.43 -14.79 -1.49
N ALA A 139 -20.98 -13.57 -1.56
CA ALA A 139 -22.12 -13.22 -0.74
C ALA A 139 -23.30 -14.14 -1.05
N LEU A 140 -23.53 -14.44 -2.33
CA LEU A 140 -24.63 -15.34 -2.72
C LEU A 140 -24.43 -16.74 -2.13
N ARG A 141 -23.18 -17.19 -2.03
CA ARG A 141 -22.85 -18.51 -1.56
C ARG A 141 -22.82 -18.63 -0.04
N ARG A 142 -22.54 -17.53 0.67
CA ARG A 142 -22.30 -17.58 2.10
C ARG A 142 -23.10 -16.47 2.76
N PRO A 143 -24.43 -16.67 2.86
CA PRO A 143 -25.34 -15.66 3.40
C PRO A 143 -25.05 -15.21 4.84
N SER A 144 -24.21 -15.90 5.60
CA SER A 144 -23.84 -15.47 6.94
C SER A 144 -22.87 -14.28 6.93
N LEU A 145 -22.27 -13.96 5.77
CA LEU A 145 -21.41 -12.78 5.68
C LEU A 145 -22.18 -11.54 6.08
N LYS A 146 -21.52 -10.55 6.70
CA LYS A 146 -22.20 -9.39 7.25
C LYS A 146 -22.32 -8.27 6.23
N ALA A 147 -21.41 -8.22 5.25
CA ALA A 147 -21.41 -7.16 4.26
C ALA A 147 -20.65 -7.57 3.00
N ALA A 148 -21.04 -6.98 1.85
CA ALA A 148 -20.29 -7.11 0.62
C ALA A 148 -20.16 -5.72 0.00
N ILE A 149 -18.93 -5.40 -0.46
CA ILE A 149 -18.68 -4.14 -1.17
C ILE A 149 -18.07 -4.44 -2.52
N GLY A 150 -18.75 -3.98 -3.56
CA GLY A 150 -18.28 -4.15 -4.92
C GLY A 150 -17.90 -2.80 -5.52
N ASN A 151 -16.63 -2.66 -5.90
CA ASN A 151 -16.19 -1.45 -6.61
C ASN A 151 -16.14 -1.78 -8.10
N ALA A 152 -16.92 -1.04 -8.90
CA ALA A 152 -17.14 -1.36 -10.31
C ALA A 152 -17.30 -2.87 -10.53
N PRO A 153 -18.18 -3.57 -9.78
CA PRO A 153 -18.15 -5.03 -9.77
C PRO A 153 -18.67 -5.63 -11.07
N TYR A 154 -17.84 -6.50 -11.66
CA TYR A 154 -18.25 -7.26 -12.83
C TYR A 154 -18.73 -8.65 -12.39
N LEU A 155 -20.06 -8.80 -12.21
CA LEU A 155 -20.69 -10.07 -11.87
C LEU A 155 -21.25 -10.62 -13.17
N PRO A 156 -20.72 -11.71 -13.74
CA PRO A 156 -21.18 -12.18 -15.06
C PRO A 156 -22.70 -12.29 -15.20
N SER A 157 -23.39 -12.82 -14.18
CA SER A 157 -24.85 -12.95 -14.21
C SER A 157 -25.55 -11.60 -14.17
N ASN A 158 -24.87 -10.59 -13.59
CA ASN A 158 -25.42 -9.29 -13.23
C ASN A 158 -26.69 -9.41 -12.40
N THR A 159 -26.84 -10.46 -11.60
CA THR A 159 -28.04 -10.55 -10.76
C THR A 159 -27.68 -10.99 -9.35
N LEU A 160 -28.29 -10.28 -8.39
CA LEU A 160 -28.19 -10.53 -6.97
C LEU A 160 -29.52 -11.02 -6.41
N ALA A 161 -30.37 -11.62 -7.25
CA ALA A 161 -31.58 -12.22 -6.73
C ALA A 161 -31.20 -13.22 -5.65
N GLY A 162 -31.90 -13.14 -4.52
CA GLY A 162 -31.72 -14.10 -3.46
C GLY A 162 -30.57 -13.77 -2.52
N ASN A 163 -29.81 -12.69 -2.79
CA ASN A 163 -28.77 -12.20 -1.88
C ASN A 163 -29.34 -11.64 -0.58
N ARG A 164 -28.83 -12.15 0.57
CA ARG A 164 -29.23 -11.71 1.90
C ARG A 164 -28.16 -10.80 2.51
N VAL A 165 -27.02 -10.61 1.83
CA VAL A 165 -25.93 -9.88 2.44
C VAL A 165 -26.01 -8.40 2.10
N PRO A 166 -25.99 -7.50 3.11
CA PRO A 166 -25.98 -6.06 2.86
C PRO A 166 -24.89 -5.62 1.88
N THR A 167 -25.30 -5.00 0.77
CA THR A 167 -24.41 -4.83 -0.37
C THR A 167 -24.30 -3.36 -0.79
N LEU A 168 -23.06 -2.90 -0.90
CA LEU A 168 -22.70 -1.57 -1.39
C LEU A 168 -21.99 -1.70 -2.74
N ILE A 169 -22.49 -0.97 -3.72
CA ILE A 169 -21.94 -1.00 -5.08
C ILE A 169 -21.48 0.41 -5.42
N TYR A 170 -20.26 0.51 -5.95
CA TYR A 170 -19.76 1.76 -6.50
C TYR A 170 -19.70 1.65 -8.02
N ALA A 171 -20.18 2.71 -8.68
CA ALA A 171 -20.06 2.81 -10.12
C ALA A 171 -19.14 4.00 -10.44
N MET A 172 -18.28 3.83 -11.45
CA MET A 172 -17.41 4.89 -11.94
C MET A 172 -18.09 5.57 -13.13
N GLN A 173 -18.35 6.88 -13.03
CA GLN A 173 -19.16 7.59 -13.98
C GLN A 173 -18.76 7.27 -15.42
N ASN A 174 -17.46 7.29 -15.73
CA ASN A 174 -16.99 7.20 -17.10
C ASN A 174 -16.63 5.78 -17.56
N ASP A 175 -16.74 4.79 -16.67
CA ASP A 175 -16.34 3.41 -16.98
C ASP A 175 -17.24 2.77 -18.07
N THR A 176 -16.68 2.13 -19.09
CA THR A 176 -17.48 1.40 -20.10
C THR A 176 -17.30 -0.11 -20.01
N LEU A 177 -16.28 -0.56 -19.27
CA LEU A 177 -16.14 -1.99 -19.01
C LEU A 177 -17.29 -2.44 -18.12
N VAL A 178 -17.55 -1.62 -17.09
CA VAL A 178 -18.57 -1.91 -16.11
C VAL A 178 -19.37 -0.65 -15.94
N PRO A 179 -20.24 -0.34 -16.93
CA PRO A 179 -20.91 0.95 -16.93
C PRO A 179 -21.92 1.08 -15.82
N PRO A 180 -22.21 2.33 -15.38
CA PRO A 180 -23.26 2.60 -14.44
C PRO A 180 -24.60 1.95 -14.82
N SER A 181 -24.93 1.95 -16.10
CA SER A 181 -26.17 1.32 -16.54
C SER A 181 -26.21 -0.16 -16.13
N ARG A 182 -25.10 -0.89 -16.30
CA ARG A 182 -25.02 -2.27 -15.83
C ARG A 182 -25.21 -2.32 -14.31
N LEU A 183 -24.56 -1.40 -13.59
CA LEU A 183 -24.56 -1.47 -12.15
C LEU A 183 -25.89 -1.02 -11.58
N THR A 184 -26.62 -0.13 -12.28
CA THR A 184 -27.98 0.21 -11.90
C THR A 184 -28.88 -1.04 -11.94
N SER A 185 -28.87 -1.77 -13.06
CA SER A 185 -29.60 -3.03 -13.19
C SER A 185 -29.24 -4.02 -12.09
N LEU A 186 -27.94 -4.18 -11.80
CA LEU A 186 -27.49 -5.06 -10.72
C LEU A 186 -28.11 -4.65 -9.39
N TYR A 187 -27.97 -3.36 -9.03
CA TYR A 187 -28.51 -2.89 -7.77
C TYR A 187 -29.99 -3.24 -7.65
N ASN A 188 -30.73 -3.06 -8.77
CA ASN A 188 -32.17 -3.23 -8.79
C ASN A 188 -32.58 -4.70 -8.65
N THR A 189 -31.65 -5.67 -8.76
CA THR A 189 -31.99 -7.06 -8.52
C THR A 189 -31.89 -7.41 -7.03
N ILE A 190 -31.39 -6.50 -6.18
CA ILE A 190 -31.16 -6.88 -4.80
C ILE A 190 -32.52 -7.01 -4.13
N PRO A 191 -32.82 -8.07 -3.35
CA PRO A 191 -34.11 -8.17 -2.67
C PRO A 191 -34.40 -6.96 -1.81
N ALA A 192 -35.68 -6.57 -1.79
CA ALA A 192 -36.14 -5.41 -1.08
C ALA A 192 -35.80 -5.51 0.40
N THR A 193 -35.76 -6.72 0.97
CA THR A 193 -35.47 -6.94 2.38
C THR A 193 -33.97 -6.93 2.69
N THR A 194 -33.13 -6.81 1.66
CA THR A 194 -31.68 -6.75 1.86
C THR A 194 -31.18 -5.31 1.81
N GLU A 195 -30.52 -4.87 2.88
CA GLU A 195 -30.00 -3.50 2.94
C GLU A 195 -28.97 -3.33 1.83
N ARG A 196 -28.96 -2.15 1.20
CA ARG A 196 -28.19 -1.93 -0.01
C ARG A 196 -27.92 -0.45 -0.26
N ALA A 197 -26.89 -0.17 -1.07
CA ALA A 197 -26.55 1.18 -1.45
C ALA A 197 -25.77 1.17 -2.76
N TYR A 198 -25.93 2.27 -3.48
CA TYR A 198 -25.34 2.49 -4.77
C TYR A 198 -24.82 3.91 -4.81
N LEU A 199 -23.52 4.05 -5.15
CA LEU A 199 -22.84 5.33 -5.20
C LEU A 199 -22.12 5.44 -6.54
N GLU A 200 -22.45 6.48 -7.29
CA GLU A 200 -21.74 6.75 -8.54
C GLU A 200 -20.72 7.86 -8.29
N ILE A 201 -19.46 7.60 -8.65
CA ILE A 201 -18.37 8.54 -8.40
C ILE A 201 -18.17 9.43 -9.64
N THR A 202 -18.25 10.74 -9.42
CA THR A 202 -18.18 11.73 -10.48
C THR A 202 -16.82 11.67 -11.14
N GLY A 203 -16.81 11.61 -12.46
CA GLY A 203 -15.60 11.80 -13.24
C GLY A 203 -14.58 10.67 -13.12
N ALA A 204 -15.01 9.51 -12.58
CA ALA A 204 -14.09 8.41 -12.36
C ALA A 204 -14.11 7.45 -13.55
N GLY A 205 -12.90 6.98 -13.88
CA GLY A 205 -12.64 5.93 -14.84
C GLY A 205 -12.63 4.56 -14.13
N HIS A 206 -12.57 3.50 -14.92
CA HIS A 206 -12.65 2.16 -14.38
C HIS A 206 -11.63 1.94 -13.28
N ASN A 207 -10.41 2.47 -13.43
CA ASN A 207 -9.37 2.15 -12.46
C ASN A 207 -9.08 3.29 -11.48
N TYR A 208 -10.11 4.11 -11.20
CA TYR A 208 -10.01 5.16 -10.20
C TYR A 208 -9.49 4.64 -8.85
N ILE A 209 -9.92 3.43 -8.45
CA ILE A 209 -9.57 2.85 -7.16
C ILE A 209 -8.07 2.56 -7.04
N GLY A 210 -7.34 2.65 -8.15
CA GLY A 210 -5.90 2.41 -8.15
C GLY A 210 -5.11 3.53 -7.45
N GLN A 211 -5.78 4.62 -7.10
CA GLN A 211 -5.16 5.68 -6.30
C GLN A 211 -6.01 5.82 -5.04
N PRO A 212 -5.42 6.23 -3.89
CA PRO A 212 -6.21 6.44 -2.68
C PRO A 212 -7.36 7.40 -2.91
N SER A 213 -8.53 7.08 -2.36
CA SER A 213 -9.72 7.88 -2.58
C SER A 213 -10.43 8.11 -1.25
N THR A 214 -10.43 9.37 -0.81
CA THR A 214 -11.24 9.75 0.33
C THR A 214 -12.71 9.50 0.08
N THR A 215 -13.17 9.75 -1.15
CA THR A 215 -14.59 9.59 -1.46
C THR A 215 -15.04 8.13 -1.18
N LEU A 216 -14.18 7.18 -1.60
CA LEU A 216 -14.46 5.75 -1.36
C LEU A 216 -14.37 5.44 0.14
N ALA A 217 -13.24 5.80 0.77
CA ALA A 217 -12.94 5.45 2.16
C ALA A 217 -14.01 5.96 3.11
N ARG A 218 -14.47 7.19 2.88
CA ARG A 218 -15.36 7.85 3.82
C ARG A 218 -16.79 7.36 3.69
N THR A 219 -17.10 6.58 2.62
CA THR A 219 -18.41 5.93 2.54
C THR A 219 -18.31 4.43 2.83
N MET A 220 -17.18 3.80 2.51
CA MET A 220 -16.97 2.39 2.85
C MET A 220 -16.95 2.20 4.37
N ILE A 221 -16.24 3.11 5.07
CA ILE A 221 -15.99 2.92 6.49
C ILE A 221 -17.33 2.87 7.23
N PRO A 222 -18.26 3.81 7.00
CA PRO A 222 -19.59 3.69 7.62
C PRO A 222 -20.30 2.37 7.33
N TRP A 223 -20.24 1.92 6.07
CA TRP A 223 -20.94 0.70 5.70
C TRP A 223 -20.42 -0.47 6.54
N LEU A 224 -19.09 -0.57 6.63
CA LEU A 224 -18.48 -1.68 7.36
C LEU A 224 -18.84 -1.61 8.84
N LYS A 225 -18.84 -0.40 9.40
CA LYS A 225 -19.16 -0.22 10.79
C LYS A 225 -20.60 -0.62 11.08
N ILE A 226 -21.53 -0.12 10.27
CA ILE A 226 -22.94 -0.45 10.47
C ILE A 226 -23.16 -1.96 10.43
N PHE A 227 -22.63 -2.67 9.42
CA PHE A 227 -23.07 -4.05 9.17
C PHE A 227 -22.18 -5.11 9.82
N ILE A 228 -20.86 -4.82 9.92
CA ILE A 228 -19.98 -5.75 10.61
C ILE A 228 -20.08 -5.60 12.12
N ASP A 229 -20.21 -4.36 12.62
CA ASP A 229 -20.13 -4.12 14.06
C ASP A 229 -21.49 -3.73 14.65
N ASN A 230 -22.54 -3.71 13.82
CA ASN A 230 -23.85 -3.21 14.25
C ASN A 230 -23.76 -1.77 14.76
N ASP A 231 -22.81 -0.98 14.25
CA ASP A 231 -22.42 0.25 14.90
C ASP A 231 -23.11 1.45 14.25
N THR A 232 -24.32 1.77 14.74
CA THR A 232 -25.19 2.79 14.17
C THR A 232 -24.76 4.19 14.57
N ARG A 233 -23.63 4.35 15.29
CA ARG A 233 -22.99 5.65 15.39
C ARG A 233 -22.56 6.14 14.00
N PHE A 234 -22.41 5.22 13.04
CA PHE A 234 -21.95 5.61 11.71
C PHE A 234 -23.09 5.82 10.72
N SER A 235 -24.33 5.54 11.14
CA SER A 235 -25.47 5.78 10.26
C SER A 235 -25.56 7.26 9.82
N GLN A 236 -25.11 8.17 10.71
CA GLN A 236 -25.16 9.60 10.42
C GLN A 236 -24.39 9.98 9.14
N PHE A 237 -23.50 9.12 8.64
CA PHE A 237 -22.72 9.48 7.44
C PHE A 237 -23.45 9.16 6.14
N LEU A 238 -24.40 8.21 6.20
CA LEU A 238 -25.06 7.69 5.02
C LEU A 238 -26.55 7.95 5.03
N CYS A 239 -27.13 8.16 6.22
CA CYS A 239 -28.58 8.34 6.31
C CYS A 239 -28.97 9.66 6.98
N PRO A 240 -29.12 10.79 6.27
CA PRO A 240 -28.87 10.89 4.84
C PRO A 240 -27.38 11.06 4.58
N LEU A 241 -27.01 11.18 3.31
CA LEU A 241 -25.61 11.31 2.97
C LEU A 241 -25.10 12.68 3.39
N ALA A 242 -24.18 12.71 4.34
CA ALA A 242 -23.88 13.94 5.05
C ALA A 242 -23.03 14.87 4.16
N ASP A 243 -22.29 14.32 3.21
CA ASP A 243 -21.42 15.10 2.34
C ASP A 243 -21.47 14.43 0.97
N GLN A 244 -21.89 15.15 -0.07
CA GLN A 244 -22.06 14.54 -1.38
C GLN A 244 -20.87 14.81 -2.31
N SER A 245 -19.81 15.42 -1.75
CA SER A 245 -18.58 15.69 -2.49
C SER A 245 -18.19 14.45 -3.27
N GLY A 246 -18.01 14.61 -4.58
CA GLY A 246 -17.48 13.57 -5.44
C GLY A 246 -18.49 12.49 -5.83
N ILE A 247 -19.74 12.66 -5.43
CA ILE A 247 -20.76 11.65 -5.66
C ILE A 247 -21.80 12.20 -6.65
N ARG A 248 -22.01 11.50 -7.75
CA ARG A 248 -22.95 11.91 -8.78
C ARG A 248 -24.37 11.45 -8.44
N GLN A 249 -24.49 10.26 -7.85
CA GLN A 249 -25.80 9.67 -7.60
C GLN A 249 -25.66 8.75 -6.39
N TYR A 250 -26.65 8.80 -5.52
CA TYR A 250 -26.66 7.96 -4.32
C TYR A 250 -28.04 7.34 -4.24
N ARG A 251 -28.13 6.01 -4.13
CA ARG A 251 -29.38 5.35 -3.79
C ARG A 251 -29.12 4.38 -2.64
N SER A 252 -30.10 4.23 -1.74
CA SER A 252 -29.92 3.31 -0.61
C SER A 252 -31.24 2.97 0.04
N SER A 253 -31.20 1.97 0.92
CA SER A 253 -32.39 1.51 1.61
C SER A 253 -32.44 2.06 3.04
N CYS A 254 -31.89 3.27 3.24
CA CYS A 254 -31.96 3.95 4.53
C CYS A 254 -33.38 3.92 5.11
N PRO A 255 -33.61 3.75 6.42
CA PRO A 255 -32.55 3.58 7.42
C PRO A 255 -31.84 2.23 7.29
N LEU A 256 -30.51 2.23 7.55
CA LEU A 256 -29.70 1.02 7.37
C LEU A 256 -29.62 0.26 8.70
N VAL A 257 -30.37 -0.83 8.79
CA VAL A 257 -30.54 -1.57 10.04
C VAL A 257 -29.69 -2.83 10.01
N PRO A 258 -28.76 -3.02 10.98
CA PRO A 258 -27.96 -4.23 11.05
C PRO A 258 -28.82 -5.49 11.15
N ALA A 259 -28.28 -6.61 10.65
CA ALA A 259 -29.00 -7.86 10.68
C ALA A 259 -29.21 -8.30 12.12
N THR A 260 -30.36 -8.95 12.33
CA THR A 260 -30.75 -9.56 13.58
C THR A 260 -29.78 -10.67 13.97
N THR A 261 -29.60 -10.82 15.26
CA THR A 261 -28.75 -11.85 15.82
C THR A 261 -29.38 -13.23 15.60
N ARG A 262 -28.51 -14.21 15.36
CA ARG A 262 -28.88 -15.60 15.11
C ARG A 262 -29.66 -16.15 16.28
N ALA A 263 -30.64 -17.02 15.97
CA ALA A 263 -31.51 -17.62 16.95
C ALA A 263 -30.72 -18.41 17.98
N LEU A 264 -31.01 -18.17 19.26
CA LEU A 264 -30.59 -19.11 20.28
C LEU A 264 -31.48 -20.37 20.21
N ALA B 2 33.30 -14.50 4.71
CA ALA B 2 31.85 -14.30 4.47
C ALA B 2 31.50 -12.89 4.91
N ASN B 3 30.54 -12.34 4.19
CA ASN B 3 30.05 -10.99 4.41
C ASN B 3 29.08 -11.05 5.58
N PRO B 4 29.38 -10.42 6.73
CA PRO B 4 28.47 -10.49 7.86
C PRO B 4 27.10 -9.88 7.60
N TYR B 5 26.97 -9.03 6.56
CA TYR B 5 25.70 -8.34 6.34
C TYR B 5 24.85 -9.01 5.28
N GLN B 6 25.33 -10.11 4.69
CA GLN B 6 24.62 -10.76 3.59
C GLN B 6 23.36 -11.43 4.13
N ARG B 7 22.24 -11.21 3.43
CA ARG B 7 20.97 -11.80 3.83
C ARG B 7 20.30 -12.43 2.62
N GLY B 8 19.62 -13.56 2.87
CA GLY B 8 18.74 -14.15 1.89
C GLY B 8 19.48 -15.00 0.84
N PRO B 9 18.69 -15.76 0.04
CA PRO B 9 19.24 -16.71 -0.90
C PRO B 9 19.83 -16.02 -2.11
N ALA B 10 20.68 -16.76 -2.84
CA ALA B 10 21.33 -16.25 -4.03
C ALA B 10 20.28 -15.68 -4.94
N PRO B 11 20.44 -14.42 -5.41
CA PRO B 11 19.43 -13.82 -6.27
C PRO B 11 19.43 -14.27 -7.73
N THR B 12 18.27 -14.05 -8.38
CA THR B 12 18.09 -14.17 -9.82
C THR B 12 17.41 -12.91 -10.34
N ALA B 13 17.36 -12.80 -11.68
CA ALA B 13 16.62 -11.73 -12.33
C ALA B 13 15.15 -11.78 -11.93
N ALA B 14 14.60 -12.98 -11.78
CA ALA B 14 13.22 -13.13 -11.34
C ALA B 14 13.06 -12.70 -9.87
N SER B 15 14.05 -13.01 -9.03
CA SER B 15 13.90 -12.76 -7.59
C SER B 15 13.86 -11.24 -7.32
N VAL B 16 14.66 -10.48 -8.07
CA VAL B 16 14.77 -9.04 -7.84
C VAL B 16 13.58 -8.30 -8.47
N ALA B 17 12.84 -8.98 -9.37
CA ALA B 17 11.71 -8.38 -10.06
C ALA B 17 10.39 -8.73 -9.38
N ALA B 18 10.42 -9.63 -8.40
CA ALA B 18 9.19 -10.16 -7.82
C ALA B 18 8.48 -9.12 -6.94
N VAL B 19 7.15 -9.17 -6.88
CA VAL B 19 6.39 -8.28 -6.03
C VAL B 19 6.74 -8.48 -4.56
N THR B 20 6.91 -9.75 -4.13
CA THR B 20 7.41 -10.02 -2.78
C THR B 20 8.64 -10.90 -2.89
N GLY B 21 9.64 -10.58 -2.07
CA GLY B 21 10.98 -11.17 -2.07
C GLY B 21 11.00 -12.38 -1.13
N PRO B 22 12.19 -12.93 -0.78
CA PRO B 22 12.26 -14.17 0.00
C PRO B 22 11.95 -14.05 1.48
N PHE B 23 11.88 -12.83 2.02
CA PHE B 23 11.59 -12.66 3.44
C PHE B 23 10.11 -12.40 3.70
N ALA B 24 9.54 -13.11 4.66
CA ALA B 24 8.24 -12.71 5.20
C ALA B 24 8.38 -11.32 5.85
N THR B 25 7.33 -10.50 5.76
CA THR B 25 7.35 -9.15 6.32
C THR B 25 6.20 -8.87 7.27
N ALA B 26 6.40 -7.80 8.06
CA ALA B 26 5.36 -7.23 8.88
C ALA B 26 5.53 -5.71 8.79
N SER B 27 4.61 -4.98 9.40
CA SER B 27 4.67 -3.52 9.46
C SER B 27 4.02 -3.04 10.76
N VAL B 28 4.39 -1.81 11.16
CA VAL B 28 3.82 -1.13 12.31
C VAL B 28 3.60 0.31 11.86
N SER B 29 2.44 0.86 12.17
CA SER B 29 2.19 2.29 12.00
C SER B 29 2.97 3.10 13.03
N VAL B 30 3.32 4.33 12.65
CA VAL B 30 3.98 5.26 13.55
C VAL B 30 3.21 6.59 13.56
N PRO B 31 2.79 7.10 14.74
CA PRO B 31 2.08 8.37 14.77
C PRO B 31 3.01 9.56 14.57
N ARG B 32 2.43 10.73 14.32
CA ARG B 32 3.19 11.98 14.16
C ARG B 32 4.01 12.26 15.41
N GLY B 33 5.21 12.84 15.23
CA GLY B 33 6.11 13.08 16.35
C GLY B 33 7.58 12.85 15.99
N ASN B 34 8.46 13.26 16.90
CA ASN B 34 9.88 12.98 16.75
C ASN B 34 10.44 13.72 15.56
N GLY B 35 9.83 14.85 15.18
CA GLY B 35 10.39 15.67 14.13
C GLY B 35 9.79 15.47 12.74
N PHE B 36 8.81 14.57 12.59
CA PHE B 36 8.24 14.28 11.27
C PHE B 36 6.81 13.78 11.47
N GLY B 37 6.17 13.34 10.38
CA GLY B 37 4.74 13.06 10.42
C GLY B 37 4.38 11.61 10.70
N GLY B 38 5.34 10.82 11.18
CA GLY B 38 5.16 9.41 11.37
C GLY B 38 5.24 8.66 10.04
N GLY B 39 4.50 7.55 9.94
CA GLY B 39 4.48 6.72 8.74
C GLY B 39 4.30 5.24 9.08
N VAL B 40 5.04 4.39 8.38
CA VAL B 40 4.89 2.93 8.49
C VAL B 40 6.26 2.32 8.35
N ILE B 41 6.61 1.44 9.26
CA ILE B 41 7.88 0.71 9.25
C ILE B 41 7.56 -0.72 8.81
N TYR B 42 8.24 -1.16 7.75
CA TYR B 42 8.16 -2.50 7.18
C TYR B 42 9.45 -3.22 7.51
N TYR B 43 9.35 -4.52 7.88
CA TYR B 43 10.54 -5.23 8.28
C TYR B 43 10.37 -6.73 8.07
N PRO B 44 11.47 -7.44 7.80
CA PRO B 44 11.44 -8.90 7.78
C PRO B 44 11.21 -9.44 9.18
N THR B 45 10.39 -10.50 9.33
CA THR B 45 10.15 -11.08 10.64
C THR B 45 11.25 -12.07 11.04
N ASP B 46 12.01 -12.57 10.07
CA ASP B 46 13.07 -13.51 10.35
C ASP B 46 14.29 -12.82 10.95
N THR B 47 14.61 -13.17 12.20
CA THR B 47 15.74 -12.54 12.88
C THR B 47 16.94 -13.49 12.89
N SER B 48 16.76 -14.69 12.33
CA SER B 48 17.75 -15.74 12.46
C SER B 48 19.01 -15.45 11.66
N GLN B 49 18.99 -14.49 10.74
CA GLN B 49 20.22 -14.20 9.99
C GLN B 49 20.94 -12.92 10.43
N GLY B 50 20.45 -12.26 11.48
CA GLY B 50 21.03 -11.06 12.01
C GLY B 50 20.17 -9.83 11.71
N THR B 51 20.73 -8.66 12.03
CA THR B 51 20.02 -7.39 11.87
C THR B 51 20.07 -6.97 10.40
N PHE B 52 19.22 -5.99 10.06
CA PHE B 52 19.09 -5.54 8.70
C PHE B 52 19.47 -4.05 8.66
N GLY B 53 19.92 -3.61 7.50
CA GLY B 53 20.01 -2.20 7.21
C GLY B 53 18.63 -1.58 7.05
N GLY B 54 18.62 -0.24 6.91
CA GLY B 54 17.40 0.51 6.94
C GLY B 54 17.36 1.59 5.87
N LEU B 55 16.15 1.89 5.41
CA LEU B 55 15.92 2.85 4.35
C LEU B 55 14.70 3.67 4.73
N ALA B 56 14.83 5.00 4.72
CA ALA B 56 13.71 5.91 4.94
C ALA B 56 13.33 6.55 3.62
N ILE B 57 12.02 6.68 3.36
CA ILE B 57 11.55 7.10 2.04
C ILE B 57 10.57 8.25 2.21
N SER B 58 10.78 9.35 1.49
CA SER B 58 9.91 10.53 1.57
C SER B 58 9.05 10.66 0.33
N PRO B 59 7.76 10.94 0.48
CA PRO B 59 6.97 11.40 -0.64
C PRO B 59 7.32 12.82 -1.07
N GLY B 60 6.71 13.26 -2.19
CA GLY B 60 6.88 14.62 -2.70
C GLY B 60 5.80 15.57 -2.22
N LEU B 61 5.83 16.78 -2.80
CA LEU B 61 4.95 17.85 -2.35
C LEU B 61 3.51 17.37 -2.50
N ASN B 62 2.71 17.60 -1.46
CA ASN B 62 1.29 17.27 -1.43
C ASN B 62 1.10 15.76 -1.45
N GLY B 63 2.18 15.01 -1.20
CA GLY B 63 2.10 13.56 -1.24
C GLY B 63 2.03 12.94 0.15
N THR B 64 1.26 11.85 0.24
CA THR B 64 1.28 11.01 1.43
C THR B 64 1.93 9.67 1.08
N TRP B 65 2.29 8.96 2.13
CA TRP B 65 3.00 7.70 1.97
C TRP B 65 2.16 6.69 1.19
N PRO B 66 0.83 6.56 1.41
CA PRO B 66 0.04 5.57 0.66
C PRO B 66 0.18 5.69 -0.86
N GLY B 67 0.44 6.91 -1.37
CA GLY B 67 0.67 7.14 -2.80
C GLY B 67 1.86 6.37 -3.40
N ILE B 68 2.86 6.02 -2.58
CA ILE B 68 4.05 5.33 -3.07
C ILE B 68 4.34 4.10 -2.19
N ALA B 69 3.39 3.69 -1.34
CA ALA B 69 3.66 2.72 -0.28
C ALA B 69 3.95 1.32 -0.82
N TRP B 70 3.69 1.05 -2.10
CA TRP B 70 4.05 -0.22 -2.71
C TRP B 70 5.54 -0.52 -2.51
N LEU B 71 6.36 0.51 -2.36
CA LEU B 71 7.78 0.31 -2.12
C LEU B 71 8.06 -0.45 -0.84
N GLY B 72 7.21 -0.28 0.19
CA GLY B 72 7.54 -0.70 1.54
C GLY B 72 7.74 -2.22 1.62
N SER B 73 6.69 -2.97 1.30
CA SER B 73 6.76 -4.42 1.40
C SER B 73 7.66 -5.00 0.30
N ARG B 74 7.66 -4.35 -0.86
CA ARG B 74 8.43 -4.89 -1.98
C ARG B 74 9.92 -4.81 -1.70
N LEU B 75 10.39 -3.72 -1.08
CA LEU B 75 11.80 -3.63 -0.73
C LEU B 75 12.09 -4.39 0.56
N ALA B 76 11.21 -4.28 1.57
CA ALA B 76 11.50 -4.86 2.87
C ALA B 76 11.62 -6.39 2.78
N SER B 77 10.85 -7.01 1.87
CA SER B 77 10.83 -8.45 1.67
C SER B 77 12.13 -8.96 1.03
N GLN B 78 13.02 -8.05 0.64
CA GLN B 78 14.33 -8.41 0.13
C GLN B 78 15.36 -8.40 1.27
N GLY B 79 14.95 -8.02 2.50
CA GLY B 79 15.84 -7.99 3.64
C GLY B 79 16.25 -6.56 4.04
N PHE B 80 15.27 -5.65 4.20
CA PHE B 80 15.54 -4.30 4.67
C PHE B 80 14.47 -3.85 5.64
N ILE B 81 14.84 -2.92 6.55
CA ILE B 81 13.83 -2.27 7.34
C ILE B 81 13.51 -0.98 6.59
N VAL B 82 12.25 -0.83 6.20
CA VAL B 82 11.91 0.30 5.33
C VAL B 82 10.89 1.18 6.06
N PHE B 83 11.20 2.48 6.17
CA PHE B 83 10.39 3.41 6.90
C PHE B 83 9.85 4.40 5.87
N GLY B 84 8.61 4.21 5.44
CA GLY B 84 7.94 5.21 4.63
C GLY B 84 7.37 6.30 5.54
N ILE B 85 7.69 7.56 5.28
CA ILE B 85 7.28 8.63 6.16
C ILE B 85 6.18 9.50 5.55
N GLU B 86 5.43 10.10 6.48
CA GLU B 86 4.62 11.29 6.24
C GLU B 86 5.43 12.50 6.68
N THR B 87 5.35 13.62 5.93
CA THR B 87 5.97 14.85 6.39
C THR B 87 5.06 15.62 7.36
N ASN B 88 5.70 16.52 8.11
CA ASN B 88 4.98 17.37 9.04
C ASN B 88 3.85 18.12 8.34
N ASN B 89 4.16 18.67 7.17
CA ASN B 89 3.18 19.35 6.34
C ASN B 89 3.28 18.88 4.90
N LEU B 90 2.15 18.87 4.21
CA LEU B 90 2.10 18.52 2.80
C LEU B 90 2.92 19.48 1.94
N ASN B 91 3.03 20.73 2.40
CA ASN B 91 3.72 21.75 1.66
C ASN B 91 5.22 21.84 2.00
N ASP B 92 5.79 20.88 2.76
CA ASP B 92 7.19 20.96 3.17
C ASP B 92 8.17 21.00 1.99
N SER B 93 9.28 21.74 2.17
CA SER B 93 10.28 21.94 1.14
C SER B 93 11.19 20.73 0.98
N PRO B 94 12.04 20.70 -0.06
CA PRO B 94 13.01 19.63 -0.21
C PRO B 94 13.96 19.51 0.98
N THR B 95 14.52 20.65 1.42
CA THR B 95 15.44 20.62 2.54
C THR B 95 14.71 20.15 3.79
N SER B 96 13.46 20.57 4.00
CA SER B 96 12.67 20.10 5.13
C SER B 96 12.46 18.58 5.09
N ARG B 97 12.20 18.05 3.88
CA ARG B 97 12.05 16.61 3.73
C ARG B 97 13.36 15.90 4.06
N GLY B 98 14.50 16.49 3.70
CA GLY B 98 15.80 15.95 4.06
C GLY B 98 16.03 15.91 5.59
N THR B 99 15.65 16.99 6.25
CA THR B 99 15.70 17.07 7.71
C THR B 99 14.86 15.97 8.34
N GLN B 100 13.64 15.78 7.84
CA GLN B 100 12.70 14.80 8.34
C GLN B 100 13.16 13.36 8.08
N LEU B 101 13.84 13.10 6.95
CA LEU B 101 14.34 11.76 6.69
C LEU B 101 15.39 11.41 7.73
N LEU B 102 16.24 12.37 8.08
CA LEU B 102 17.26 12.16 9.12
C LEU B 102 16.62 11.97 10.49
N ALA B 103 15.54 12.74 10.78
CA ALA B 103 14.81 12.55 12.02
C ALA B 103 14.20 11.16 12.08
N ALA B 104 13.65 10.70 10.95
CA ALA B 104 12.98 9.43 10.88
C ALA B 104 13.97 8.29 11.11
N LEU B 105 15.15 8.41 10.51
CA LEU B 105 16.18 7.40 10.69
C LEU B 105 16.65 7.34 12.16
N ASP B 106 16.83 8.49 12.80
CA ASP B 106 17.24 8.52 14.21
C ASP B 106 16.17 7.91 15.10
N TYR B 107 14.90 8.24 14.83
CA TYR B 107 13.82 7.62 15.56
C TYR B 107 13.88 6.09 15.37
N LEU B 108 14.02 5.64 14.12
CA LEU B 108 14.08 4.21 13.81
C LEU B 108 15.17 3.53 14.63
N ALA B 109 16.37 4.13 14.65
CA ALA B 109 17.52 3.52 15.31
C ALA B 109 17.42 3.59 16.84
N GLN B 110 16.87 4.69 17.37
CA GLN B 110 17.05 5.04 18.78
C GLN B 110 15.84 4.65 19.63
N ARG B 111 14.65 4.81 19.04
N ARG B 111 14.62 4.79 19.08
CA ARG B 111 13.41 4.84 19.80
CA ARG B 111 13.44 4.63 19.92
C ARG B 111 12.37 3.81 19.31
C ARG B 111 12.27 3.90 19.26
N SER B 112 12.43 3.38 18.04
CA SER B 112 11.30 2.66 17.44
C SER B 112 11.17 1.25 18.00
N SER B 113 10.02 0.64 17.76
CA SER B 113 9.74 -0.70 18.26
C SER B 113 10.57 -1.76 17.52
N VAL B 114 11.21 -1.39 16.41
CA VAL B 114 11.97 -2.35 15.62
C VAL B 114 13.47 -2.07 15.70
N ARG B 115 13.89 -1.21 16.66
CA ARG B 115 15.27 -0.78 16.67
C ARG B 115 16.21 -1.97 16.89
N SER B 116 15.74 -3.04 17.53
CA SER B 116 16.63 -4.16 17.79
C SER B 116 16.84 -5.03 16.56
N ARG B 117 16.04 -4.84 15.49
CA ARG B 117 16.21 -5.62 14.27
C ARG B 117 17.10 -4.88 13.27
N LEU B 118 17.46 -3.64 13.62
CA LEU B 118 18.16 -2.72 12.73
C LEU B 118 19.64 -2.71 13.07
N ASP B 119 20.49 -2.63 12.04
CA ASP B 119 21.85 -2.21 12.22
C ASP B 119 21.93 -0.68 12.04
N PRO B 120 22.11 0.11 13.10
CA PRO B 120 22.06 1.56 12.98
C PRO B 120 23.25 2.18 12.25
N GLY B 121 24.27 1.36 11.94
CA GLY B 121 25.39 1.79 11.11
C GLY B 121 25.14 1.70 9.60
N ARG B 122 24.02 1.14 9.15
CA ARG B 122 23.79 0.82 7.74
C ARG B 122 22.42 1.34 7.33
N LEU B 123 22.37 2.64 7.00
CA LEU B 123 21.11 3.35 6.75
C LEU B 123 21.20 4.12 5.44
N ALA B 124 20.04 4.36 4.82
CA ALA B 124 19.94 4.98 3.53
C ALA B 124 18.66 5.79 3.44
N VAL B 125 18.58 6.59 2.38
CA VAL B 125 17.44 7.47 2.13
C VAL B 125 16.99 7.38 0.67
N ALA B 126 15.70 7.63 0.46
CA ALA B 126 15.17 7.69 -0.91
C ALA B 126 13.97 8.64 -0.88
N GLY B 127 13.55 9.05 -2.08
CA GLY B 127 12.33 9.83 -2.16
C GLY B 127 11.95 10.18 -3.59
N HIS B 128 10.71 10.68 -3.69
CA HIS B 128 10.11 11.10 -4.93
C HIS B 128 10.05 12.63 -4.97
N SER B 129 10.52 13.20 -6.09
CA SER B 129 10.30 14.58 -6.49
C SER B 129 10.94 15.46 -5.41
N MET B 130 10.19 16.32 -4.71
CA MET B 130 10.83 17.11 -3.65
C MET B 130 11.35 16.22 -2.51
N GLY B 131 10.73 15.05 -2.35
CA GLY B 131 11.21 14.05 -1.40
C GLY B 131 12.53 13.41 -1.86
N GLY B 132 12.72 13.31 -3.18
CA GLY B 132 13.97 12.86 -3.74
C GLY B 132 15.07 13.92 -3.58
N GLY B 133 14.72 15.21 -3.73
CA GLY B 133 15.67 16.25 -3.37
C GLY B 133 15.98 16.16 -1.88
N GLY B 134 14.97 15.88 -1.05
CA GLY B 134 15.19 15.70 0.36
C GLY B 134 16.21 14.58 0.63
N ALA B 135 16.07 13.44 -0.09
CA ALA B 135 16.99 12.32 0.12
C ALA B 135 18.41 12.74 -0.27
N LEU B 136 18.55 13.50 -1.35
CA LEU B 136 19.87 13.95 -1.74
C LEU B 136 20.46 14.97 -0.75
N ASP B 137 19.62 15.89 -0.27
CA ASP B 137 20.04 16.82 0.78
C ASP B 137 20.45 16.07 2.05
N ALA B 138 19.71 15.03 2.43
CA ALA B 138 20.06 14.21 3.58
C ALA B 138 21.44 13.58 3.39
N ALA B 139 21.70 13.07 2.17
CA ALA B 139 23.00 12.54 1.82
C ALA B 139 24.11 13.57 1.98
N LEU B 140 23.88 14.81 1.55
CA LEU B 140 24.87 15.85 1.67
C LEU B 140 25.15 16.17 3.14
N ARG B 141 24.11 16.04 4.00
CA ARG B 141 24.18 16.42 5.39
C ARG B 141 24.61 15.26 6.30
N ARG B 142 24.63 14.03 5.77
CA ARG B 142 24.98 12.87 6.58
C ARG B 142 25.78 11.91 5.73
N PRO B 143 27.09 12.20 5.54
CA PRO B 143 27.88 11.39 4.63
C PRO B 143 28.09 9.95 5.07
N SER B 144 27.73 9.59 6.32
CA SER B 144 27.86 8.19 6.73
C SER B 144 26.73 7.30 6.18
N LEU B 145 25.71 7.89 5.53
CA LEU B 145 24.68 7.10 4.89
C LEU B 145 25.29 6.20 3.81
N LYS B 146 24.70 5.02 3.66
CA LYS B 146 25.23 4.02 2.74
C LYS B 146 24.76 4.21 1.31
N ALA B 147 23.56 4.79 1.12
CA ALA B 147 23.06 5.01 -0.23
C ALA B 147 21.96 6.07 -0.18
N ALA B 148 21.69 6.65 -1.36
CA ALA B 148 20.61 7.59 -1.58
C ALA B 148 20.01 7.33 -2.95
N ILE B 149 18.67 7.30 -3.00
CA ILE B 149 17.97 7.11 -4.25
C ILE B 149 17.01 8.27 -4.44
N GLY B 150 17.21 9.04 -5.50
CA GLY B 150 16.30 10.11 -5.84
C GLY B 150 15.48 9.77 -7.09
N ASN B 151 14.17 9.70 -6.94
CA ASN B 151 13.27 9.49 -8.06
C ASN B 151 12.74 10.84 -8.53
N ALA B 152 13.08 11.18 -9.78
CA ALA B 152 12.72 12.46 -10.38
C ALA B 152 13.03 13.61 -9.39
N PRO B 153 14.23 13.67 -8.78
CA PRO B 153 14.43 14.52 -7.62
C PRO B 153 14.56 16.01 -7.96
N TYR B 154 13.89 16.82 -7.15
CA TYR B 154 14.04 18.25 -7.19
C TYR B 154 14.88 18.72 -6.01
N LEU B 155 16.15 18.94 -6.31
CA LEU B 155 17.11 19.48 -5.39
C LEU B 155 17.35 20.92 -5.83
N PRO B 156 16.97 21.92 -5.00
CA PRO B 156 17.04 23.35 -5.40
C PRO B 156 18.35 23.79 -6.07
N SER B 157 19.49 23.47 -5.44
CA SER B 157 20.82 23.80 -5.96
C SER B 157 21.15 23.05 -7.27
N ASN B 158 20.54 21.88 -7.46
CA ASN B 158 20.85 20.93 -8.53
C ASN B 158 22.32 20.56 -8.56
N THR B 159 23.02 20.58 -7.40
CA THR B 159 24.40 20.12 -7.38
C THR B 159 24.65 19.19 -6.18
N LEU B 160 25.33 18.08 -6.48
CA LEU B 160 25.79 17.12 -5.50
C LEU B 160 27.31 17.19 -5.30
N ALA B 161 27.90 18.36 -5.57
CA ALA B 161 29.31 18.57 -5.25
C ALA B 161 29.56 18.21 -3.79
N GLY B 162 30.61 17.43 -3.52
CA GLY B 162 30.93 17.07 -2.15
C GLY B 162 30.17 15.84 -1.62
N ASN B 163 29.19 15.35 -2.39
CA ASN B 163 28.43 14.19 -1.94
C ASN B 163 29.30 12.93 -1.88
N ARG B 164 29.26 12.25 -0.74
CA ARG B 164 30.09 11.08 -0.47
C ARG B 164 29.25 9.82 -0.44
N VAL B 165 27.92 9.97 -0.57
CA VAL B 165 27.00 8.85 -0.47
C VAL B 165 26.71 8.28 -1.87
N PRO B 166 26.90 6.96 -2.07
CA PRO B 166 26.52 6.33 -3.32
C PRO B 166 25.08 6.62 -3.72
N THR B 167 24.92 7.21 -4.89
CA THR B 167 23.67 7.86 -5.25
C THR B 167 23.17 7.31 -6.58
N LEU B 168 21.86 6.99 -6.63
CA LEU B 168 21.13 6.55 -7.81
C LEU B 168 20.02 7.55 -8.11
N ILE B 169 20.05 8.09 -9.34
CA ILE B 169 19.06 9.03 -9.80
C ILE B 169 18.20 8.39 -10.90
N TYR B 170 16.88 8.47 -10.73
CA TYR B 170 15.98 8.08 -11.78
C TYR B 170 15.39 9.33 -12.45
N ALA B 171 15.45 9.36 -13.77
CA ALA B 171 14.75 10.33 -14.59
C ALA B 171 13.55 9.67 -15.28
N MET B 172 12.46 10.43 -15.44
CA MET B 172 11.28 9.91 -16.14
C MET B 172 11.28 10.49 -17.56
N GLN B 173 11.32 9.63 -18.59
CA GLN B 173 11.52 10.08 -19.96
C GLN B 173 10.64 11.28 -20.31
N ASN B 174 9.35 11.20 -19.99
CA ASN B 174 8.40 12.21 -20.44
C ASN B 174 8.07 13.25 -19.36
N ASP B 175 8.96 13.41 -18.36
CA ASP B 175 8.70 14.34 -17.27
C ASP B 175 8.85 15.78 -17.78
N THR B 176 7.80 16.61 -17.69
CA THR B 176 7.87 18.00 -18.14
C THR B 176 8.05 18.92 -16.93
N LEU B 177 8.15 18.38 -15.73
CA LEU B 177 8.29 19.21 -14.54
C LEU B 177 9.72 19.23 -13.99
N VAL B 178 10.35 18.03 -13.92
CA VAL B 178 11.74 17.81 -13.51
C VAL B 178 12.39 16.98 -14.62
N PRO B 179 12.78 17.63 -15.73
CA PRO B 179 13.17 16.89 -16.91
C PRO B 179 14.49 16.14 -16.82
N PRO B 180 14.65 15.09 -17.66
CA PRO B 180 15.91 14.38 -17.79
C PRO B 180 17.13 15.27 -17.95
N SER B 181 17.00 16.37 -18.72
CA SER B 181 18.15 17.25 -18.94
C SER B 181 18.64 17.87 -17.63
N ARG B 182 17.73 18.21 -16.72
CA ARG B 182 18.10 18.75 -15.41
C ARG B 182 18.78 17.67 -14.57
N LEU B 183 18.31 16.41 -14.72
CA LEU B 183 18.79 15.32 -13.87
C LEU B 183 20.13 14.77 -14.34
N THR B 184 20.36 14.85 -15.66
CA THR B 184 21.67 14.64 -16.26
C THR B 184 22.70 15.63 -15.70
N SER B 185 22.37 16.93 -15.63
CA SER B 185 23.28 17.91 -15.04
C SER B 185 23.56 17.57 -13.57
N LEU B 186 22.49 17.21 -12.84
CA LEU B 186 22.59 16.81 -11.45
C LEU B 186 23.57 15.64 -11.30
N TYR B 187 23.37 14.57 -12.09
CA TYR B 187 24.24 13.41 -12.02
C TYR B 187 25.71 13.77 -12.27
N ASN B 188 25.93 14.68 -13.22
CA ASN B 188 27.26 15.06 -13.61
C ASN B 188 27.98 15.89 -12.55
N THR B 189 27.30 16.40 -11.49
CA THR B 189 28.01 17.09 -10.41
C THR B 189 28.49 16.10 -9.34
N ILE B 190 28.07 14.84 -9.39
CA ILE B 190 28.46 13.90 -8.34
C ILE B 190 29.97 13.67 -8.45
N PRO B 191 30.74 13.72 -7.35
CA PRO B 191 32.19 13.54 -7.48
C PRO B 191 32.59 12.21 -8.09
N ALA B 192 33.72 12.21 -8.79
CA ALA B 192 34.18 11.00 -9.47
C ALA B 192 34.46 9.87 -8.48
N THR B 193 34.78 10.24 -7.23
CA THR B 193 35.12 9.33 -6.15
C THR B 193 33.90 8.80 -5.39
N THR B 194 32.69 9.13 -5.84
CA THR B 194 31.47 8.63 -5.21
C THR B 194 30.77 7.72 -6.21
N GLU B 195 30.47 6.47 -5.83
CA GLU B 195 29.75 5.58 -6.73
C GLU B 195 28.38 6.16 -7.08
N ARG B 196 27.95 5.92 -8.32
CA ARG B 196 26.76 6.60 -8.79
C ARG B 196 26.09 5.92 -9.98
N ALA B 197 24.81 6.24 -10.19
CA ALA B 197 24.11 5.72 -11.35
C ALA B 197 22.95 6.63 -11.70
N TYR B 198 22.65 6.64 -13.00
CA TYR B 198 21.51 7.30 -13.59
C TYR B 198 20.74 6.33 -14.48
N LEU B 199 19.41 6.31 -14.29
CA LEU B 199 18.53 5.52 -15.12
C LEU B 199 17.36 6.39 -15.56
N GLU B 200 17.17 6.44 -16.88
CA GLU B 200 16.00 7.07 -17.47
C GLU B 200 14.98 6.00 -17.82
N ILE B 201 13.74 6.19 -17.34
CA ILE B 201 12.68 5.22 -17.47
C ILE B 201 11.81 5.55 -18.69
N THR B 202 11.68 4.58 -19.60
CA THR B 202 10.95 4.78 -20.85
C THR B 202 9.48 5.05 -20.61
N GLY B 203 8.94 6.09 -21.27
CA GLY B 203 7.51 6.33 -21.37
C GLY B 203 6.88 6.87 -20.07
N ALA B 204 7.70 7.23 -19.09
CA ALA B 204 7.22 7.56 -17.77
C ALA B 204 6.99 9.06 -17.62
N GLY B 205 5.85 9.44 -17.02
CA GLY B 205 5.57 10.81 -16.60
C GLY B 205 6.17 11.06 -15.21
N HIS B 206 6.06 12.31 -14.72
CA HIS B 206 6.59 12.73 -13.44
C HIS B 206 6.12 11.79 -12.30
N ASN B 207 4.82 11.43 -12.29
CA ASN B 207 4.24 10.67 -11.19
C ASN B 207 4.10 9.17 -11.49
N TYR B 208 4.90 8.68 -12.44
CA TYR B 208 4.99 7.25 -12.76
C TYR B 208 5.11 6.36 -11.52
N ILE B 209 5.93 6.77 -10.52
CA ILE B 209 6.18 6.01 -9.30
C ILE B 209 4.91 5.82 -8.45
N GLY B 210 3.82 6.52 -8.76
CA GLY B 210 2.58 6.37 -8.01
C GLY B 210 1.86 5.03 -8.28
N GLN B 211 2.35 4.25 -9.26
N GLN B 211 2.36 4.24 -9.24
CA GLN B 211 1.89 2.88 -9.45
CA GLN B 211 1.89 2.88 -9.42
C GLN B 211 3.11 1.96 -9.30
C GLN B 211 3.10 1.95 -9.30
N PRO B 212 2.89 0.70 -8.85
CA PRO B 212 4.00 -0.24 -8.74
C PRO B 212 4.75 -0.36 -10.04
N SER B 213 6.08 -0.38 -9.95
CA SER B 213 6.93 -0.46 -11.13
C SER B 213 7.99 -1.54 -10.93
N THR B 214 7.92 -2.57 -11.78
CA THR B 214 8.92 -3.63 -11.77
C THR B 214 10.29 -3.06 -12.18
N THR B 215 10.30 -2.11 -13.08
CA THR B 215 11.53 -1.54 -13.60
C THR B 215 12.26 -0.76 -12.50
N LEU B 216 11.52 0.04 -11.71
CA LEU B 216 12.09 0.71 -10.54
C LEU B 216 12.57 -0.32 -9.52
N ALA B 217 11.70 -1.26 -9.15
CA ALA B 217 12.02 -2.16 -8.05
C ALA B 217 13.26 -3.01 -8.34
N ARG B 218 13.36 -3.53 -9.57
CA ARG B 218 14.40 -4.49 -9.94
C ARG B 218 15.78 -3.85 -10.13
N THR B 219 15.84 -2.51 -10.16
CA THR B 219 17.10 -1.77 -10.18
C THR B 219 17.38 -1.12 -8.82
N MET B 220 16.34 -0.72 -8.07
CA MET B 220 16.54 -0.27 -6.68
C MET B 220 17.11 -1.39 -5.81
N ILE B 221 16.52 -2.57 -5.91
CA ILE B 221 16.88 -3.63 -4.98
C ILE B 221 18.38 -3.91 -5.08
N PRO B 222 18.98 -4.15 -6.26
CA PRO B 222 20.43 -4.32 -6.31
C PRO B 222 21.24 -3.16 -5.75
N TRP B 223 20.83 -1.91 -6.02
CA TRP B 223 21.53 -0.77 -5.43
C TRP B 223 21.62 -0.87 -3.91
N LEU B 224 20.47 -1.13 -3.29
CA LEU B 224 20.37 -1.21 -1.85
C LEU B 224 21.20 -2.37 -1.30
N LYS B 225 21.12 -3.54 -1.98
CA LYS B 225 21.93 -4.70 -1.56
C LYS B 225 23.41 -4.39 -1.65
N ILE B 226 23.86 -3.85 -2.78
CA ILE B 226 25.28 -3.61 -2.93
C ILE B 226 25.76 -2.68 -1.81
N PHE B 227 25.05 -1.56 -1.56
CA PHE B 227 25.66 -0.51 -0.75
C PHE B 227 25.29 -0.60 0.71
N ILE B 228 24.05 -0.99 1.04
CA ILE B 228 23.69 -1.14 2.44
C ILE B 228 24.32 -2.42 3.03
N ASP B 229 24.36 -3.50 2.25
CA ASP B 229 24.80 -4.81 2.76
C ASP B 229 26.19 -5.21 2.28
N ASN B 230 26.83 -4.36 1.45
CA ASN B 230 28.07 -4.71 0.76
C ASN B 230 27.89 -6.00 -0.04
N ASP B 231 26.66 -6.30 -0.46
CA ASP B 231 26.33 -7.59 -1.03
C ASP B 231 26.52 -7.56 -2.55
N THR B 232 27.75 -7.87 -3.00
CA THR B 232 28.10 -7.82 -4.42
C THR B 232 27.59 -9.07 -5.16
N ARG B 233 26.82 -9.95 -4.51
CA ARG B 233 26.01 -10.91 -5.25
C ARG B 233 24.99 -10.21 -6.16
N PHE B 234 24.70 -8.91 -5.91
CA PHE B 234 23.70 -8.20 -6.68
C PHE B 234 24.34 -7.32 -7.75
N SER B 235 25.68 -7.26 -7.77
CA SER B 235 26.39 -6.49 -8.78
C SER B 235 26.07 -6.93 -10.20
N GLN B 236 25.77 -8.22 -10.39
CA GLN B 236 25.50 -8.74 -11.73
C GLN B 236 24.28 -8.11 -12.42
N PHE B 237 23.36 -7.50 -11.63
CA PHE B 237 22.16 -6.95 -12.22
C PHE B 237 22.40 -5.56 -12.78
N LEU B 238 23.48 -4.88 -12.35
CA LEU B 238 23.74 -3.50 -12.73
C LEU B 238 25.06 -3.32 -13.48
N CYS B 239 26.00 -4.22 -13.26
CA CYS B 239 27.31 -4.12 -13.90
C CYS B 239 27.62 -5.38 -14.71
N PRO B 240 27.16 -5.48 -15.96
CA PRO B 240 26.40 -4.44 -16.63
C PRO B 240 24.91 -4.63 -16.39
N LEU B 241 24.11 -3.79 -17.02
CA LEU B 241 22.67 -3.87 -16.81
C LEU B 241 22.20 -5.18 -17.46
N ALA B 242 21.67 -6.08 -16.63
CA ALA B 242 21.41 -7.45 -17.07
C ALA B 242 20.13 -7.51 -17.90
N ASP B 243 19.15 -6.66 -17.59
CA ASP B 243 17.93 -6.51 -18.37
C ASP B 243 17.70 -5.01 -18.62
N GLN B 244 17.52 -4.62 -19.90
CA GLN B 244 17.37 -3.23 -20.31
C GLN B 244 15.91 -2.86 -20.49
N SER B 245 15.01 -3.81 -20.26
CA SER B 245 13.56 -3.57 -20.36
C SER B 245 13.18 -2.29 -19.62
N GLY B 246 12.54 -1.36 -20.34
CA GLY B 246 11.97 -0.15 -19.78
C GLY B 246 12.98 0.93 -19.43
N ILE B 247 14.27 0.73 -19.77
CA ILE B 247 15.32 1.70 -19.50
C ILE B 247 15.81 2.31 -20.79
N ARG B 248 15.68 3.65 -20.91
CA ARG B 248 16.05 4.39 -22.11
C ARG B 248 17.53 4.72 -22.11
N GLN B 249 18.08 4.94 -20.91
CA GLN B 249 19.47 5.36 -20.80
C GLN B 249 19.96 4.92 -19.44
N TYR B 250 21.21 4.46 -19.41
CA TYR B 250 21.88 4.02 -18.20
C TYR B 250 23.31 4.56 -18.21
N ARG B 251 23.70 5.24 -17.13
CA ARG B 251 25.07 5.65 -16.87
C ARG B 251 25.41 5.24 -15.44
N SER B 252 26.67 4.85 -15.20
CA SER B 252 27.10 4.43 -13.88
C SER B 252 28.62 4.41 -13.79
N SER B 253 29.11 4.31 -12.55
CA SER B 253 30.52 4.22 -12.24
C SER B 253 30.92 2.76 -11.99
N CYS B 254 30.23 1.85 -12.69
CA CYS B 254 30.54 0.43 -12.67
C CYS B 254 32.03 0.24 -12.95
N PRO B 255 32.75 -0.68 -12.24
CA PRO B 255 32.16 -1.55 -11.21
C PRO B 255 31.82 -0.85 -9.89
N LEU B 256 30.70 -1.27 -9.30
CA LEU B 256 30.17 -0.58 -8.13
C LEU B 256 30.76 -1.20 -6.87
N VAL B 257 31.73 -0.52 -6.24
CA VAL B 257 32.47 -1.13 -5.14
C VAL B 257 31.99 -0.50 -3.84
N PRO B 258 31.34 -1.28 -2.95
CA PRO B 258 30.88 -0.75 -1.67
C PRO B 258 32.03 -0.45 -0.70
N ALA B 259 31.78 0.41 0.30
CA ALA B 259 32.84 0.88 1.18
C ALA B 259 33.29 -0.25 2.13
CA CA C . -33.46 -0.21 5.59
C1 PGE D . 3.08 21.26 -9.56
O1 PGE D . 2.84 20.78 -10.87
C2 PGE D . 3.77 20.29 -8.65
O2 PGE D . 5.04 20.79 -8.20
C3 PGE D . 5.70 19.95 -7.26
C4 PGE D . 7.00 19.53 -7.80
O4 PGE D . 9.43 22.61 -8.18
C6 PGE D . 9.75 21.50 -8.95
C5 PGE D . 9.09 20.32 -8.44
O3 PGE D . 7.77 20.68 -8.10
CA CA E . 33.28 2.27 -9.43
CL CL F . 2.55 10.34 -6.92
CL CL G . 20.06 0.83 -22.09
#